data_3U1X
#
_entry.id   3U1X
#
_cell.length_a   38.690
_cell.length_b   41.214
_cell.length_c   77.324
_cell.angle_alpha   92.980
_cell.angle_beta   91.640
_cell.angle_gamma   117.970
#
_symmetry.space_group_name_H-M   'P 1'
#
loop_
_entity.id
_entity.type
_entity.pdbx_description
1 polymer 'putative glycosyl hydrolase'
2 non-polymer 'TRIETHYLENE GLYCOL'
3 water water
#
_entity_poly.entity_id   1
_entity_poly.type   'polypeptide(L)'
_entity_poly.pdbx_seq_one_letter_code
;GSSSTEVKDNVLTEEEKAEGYTLLFNGKDFTGWK(MSE)FNGGDVKGWQVEDGVIVGYGNGGDVIADTTIKVSTDIVTVK
NYHNFQIKWDWKIGAQGNSGFLYHVQEGPKYKAPFETGPEYQLIDDDNYPWVSETGKEGLEDWQKTGCNYA(MSE)YVPE
TKQVNPPGEWNSS(MSE)VLYKDGYVEHWLNGEKLFSFQEGSEDWK(MSE)RRYSGKWEAFPDYGISTTGKLCFQDHGSK
VYFKNVKIKDLD
;
_entity_poly.pdbx_strand_id   A,B
#
loop_
_chem_comp.id
_chem_comp.type
_chem_comp.name
_chem_comp.formula
PGE non-polymer 'TRIETHYLENE GLYCOL' 'C6 H14 O4'
#
# COMPACT_ATOMS: atom_id res chain seq x y z
N LYS A 8 30.34 21.90 18.84
CA LYS A 8 29.18 21.23 19.42
C LYS A 8 28.51 20.18 18.53
N ASP A 9 29.07 19.86 17.36
CA ASP A 9 28.73 18.58 16.69
C ASP A 9 29.18 17.41 17.55
N ASN A 10 28.37 16.35 17.56
CA ASN A 10 28.61 15.13 18.32
C ASN A 10 28.77 15.37 19.83
N VAL A 11 28.00 16.31 20.35
CA VAL A 11 27.94 16.60 21.77
C VAL A 11 26.48 16.63 22.17
N LEU A 12 26.14 15.88 23.18
CA LEU A 12 24.81 15.94 23.80
C LEU A 12 24.66 17.22 24.59
N THR A 13 23.53 17.88 24.39
CA THR A 13 23.15 18.98 25.25
C THR A 13 22.75 18.39 26.59
N GLU A 14 22.76 19.23 27.60
CA GLU A 14 22.28 18.82 28.91
C GLU A 14 20.86 18.33 28.84
N GLU A 15 20.03 19.03 28.05
CA GLU A 15 18.63 18.64 27.87
C GLU A 15 18.50 17.25 27.22
N GLU A 16 19.30 17.00 26.18
CA GLU A 16 19.30 15.69 25.52
C GLU A 16 19.65 14.56 26.51
N LYS A 17 20.66 14.77 27.33
CA LYS A 17 21.00 13.75 28.34
C LYS A 17 19.85 13.55 29.32
N ALA A 18 19.22 14.65 29.77
CA ALA A 18 18.10 14.58 30.69
C ALA A 18 16.94 13.79 30.11
N GLU A 19 16.72 13.85 28.80
CA GLU A 19 15.58 13.16 28.21
C GLU A 19 15.92 11.75 27.78
N GLY A 20 17.18 11.35 27.96
CA GLY A 20 17.60 9.97 27.75
C GLY A 20 18.39 9.68 26.49
N TYR A 21 18.80 10.71 25.76
CA TYR A 21 19.60 10.48 24.55
C TYR A 21 21.03 10.14 24.95
N THR A 22 21.67 9.26 24.17
CA THR A 22 23.12 9.10 24.24
C THR A 22 23.66 9.19 22.82
N LEU A 23 24.97 9.31 22.68
CA LEU A 23 25.62 9.35 21.40
C LEU A 23 25.75 7.94 20.86
N LEU A 24 25.19 7.69 19.70
CA LEU A 24 25.41 6.42 19.00
C LEU A 24 26.72 6.48 18.22
N PHE A 25 27.13 7.67 17.83
CA PHE A 25 28.46 7.91 17.25
C PHE A 25 29.19 8.92 18.13
N ASN A 26 30.40 8.59 18.54
CA ASN A 26 31.11 9.45 19.48
C ASN A 26 31.88 10.65 18.92
N GLY A 27 31.91 10.80 17.59
CA GLY A 27 32.61 11.90 16.94
C GLY A 27 34.07 11.64 16.67
N LYS A 28 34.57 10.47 17.09
CA LYS A 28 36.00 10.16 17.01
C LYS A 28 36.33 8.86 16.30
N ASP A 29 35.57 7.79 16.56
CA ASP A 29 35.90 6.47 16.03
C ASP A 29 34.63 5.61 15.93
N PHE A 30 34.80 4.32 15.61
CA PHE A 30 33.66 3.42 15.40
C PHE A 30 33.32 2.56 16.61
N THR A 31 33.66 3.05 17.80
CA THR A 31 33.21 2.41 19.04
C THR A 31 31.71 2.23 18.98
N GLY A 32 31.23 1.00 19.20
CA GLY A 32 29.79 0.73 19.15
C GLY A 32 29.29 0.25 17.81
N TRP A 33 30.17 0.22 16.83
CA TRP A 33 29.85 -0.25 15.48
C TRP A 33 30.75 -1.42 15.04
N LYS A 34 30.27 -2.17 14.07
CA LYS A 34 30.97 -3.29 13.45
C LYS A 34 30.53 -3.37 12.00
N MSE A 35 31.26 -4.11 11.18
CA MSE A 35 30.79 -4.42 9.82
CA MSE A 35 30.82 -4.41 9.83
C MSE A 35 29.66 -5.42 9.92
O MSE A 35 29.69 -6.33 10.77
CB MSE A 35 31.89 -5.06 8.95
CB MSE A 35 31.99 -4.97 9.00
CG MSE A 35 33.10 -4.21 8.79
CG MSE A 35 31.61 -5.67 7.72
SE MSE A 35 32.65 -2.49 7.95
SE MSE A 35 33.20 -6.17 6.72
CE MSE A 35 32.36 -3.10 6.17
CE MSE A 35 32.67 -7.93 6.09
N PHE A 36 28.64 -5.26 9.08
CA PHE A 36 27.59 -6.27 8.92
C PHE A 36 28.25 -7.64 8.63
N ASN A 37 27.92 -8.61 9.47
CA ASN A 37 28.48 -9.98 9.34
C ASN A 37 29.99 -10.03 9.43
N GLY A 38 30.59 -9.04 10.09
CA GLY A 38 32.05 -8.95 10.16
C GLY A 38 32.51 -8.40 11.48
N GLY A 39 33.73 -7.92 11.51
CA GLY A 39 34.30 -7.39 12.73
C GLY A 39 34.51 -5.90 12.62
N ASP A 40 35.76 -5.46 12.77
CA ASP A 40 36.10 -4.04 12.73
C ASP A 40 35.60 -3.35 11.46
N VAL A 41 35.15 -2.12 11.63
CA VAL A 41 34.68 -1.35 10.48
C VAL A 41 35.76 -1.11 9.41
N LYS A 42 35.41 -1.40 8.15
CA LYS A 42 36.25 -1.08 6.99
CA LYS A 42 36.24 -1.06 6.99
C LYS A 42 35.38 -0.53 5.84
N GLY A 43 35.97 0.29 4.96
CA GLY A 43 35.20 0.91 3.84
C GLY A 43 34.53 2.22 4.25
N TRP A 44 34.78 2.58 5.51
CA TRP A 44 34.23 3.77 6.16
C TRP A 44 35.35 4.39 7.00
N GLN A 45 35.30 5.71 7.19
CA GLN A 45 36.35 6.42 7.94
C GLN A 45 35.71 7.52 8.74
N VAL A 46 36.29 7.86 9.90
CA VAL A 46 35.89 9.09 10.58
C VAL A 46 36.74 10.24 10.05
N GLU A 47 36.09 11.26 9.50
CA GLU A 47 36.75 12.42 8.90
C GLU A 47 36.18 13.70 9.49
N ASP A 48 36.98 14.44 10.26
CA ASP A 48 36.57 15.71 10.86
C ASP A 48 35.30 15.54 11.72
N GLY A 49 35.26 14.51 12.54
CA GLY A 49 34.08 14.26 13.38
C GLY A 49 32.84 13.83 12.60
N VAL A 50 33.03 13.23 11.44
CA VAL A 50 31.92 12.73 10.62
C VAL A 50 32.18 11.29 10.20
N ILE A 51 31.16 10.44 10.29
CA ILE A 51 31.23 9.09 9.71
C ILE A 51 31.13 9.24 8.18
N VAL A 52 32.15 8.77 7.49
CA VAL A 52 32.17 8.89 6.05
C VAL A 52 32.23 7.51 5.37
N GLY A 53 31.20 7.22 4.59
CA GLY A 53 31.17 5.99 3.78
C GLY A 53 31.66 6.28 2.38
N TYR A 54 32.37 5.33 1.81
CA TYR A 54 32.90 5.49 0.47
C TYR A 54 32.12 4.74 -0.61
N GLY A 55 31.32 3.75 -0.22
CA GLY A 55 30.36 3.13 -1.13
C GLY A 55 30.96 2.18 -2.15
N ASN A 56 32.01 1.46 -1.75
N VAL A 68 29.68 -8.34 -1.75
CA VAL A 68 29.55 -8.46 -0.31
C VAL A 68 28.97 -7.17 0.29
N SER A 69 28.37 -7.26 1.47
CA SER A 69 27.93 -6.05 2.21
C SER A 69 29.14 -5.46 2.93
N THR A 70 29.33 -4.15 2.79
CA THR A 70 30.34 -3.45 3.56
C THR A 70 29.66 -2.39 4.46
N ASP A 71 28.41 -2.67 4.84
CA ASP A 71 27.64 -1.73 5.64
C ASP A 71 28.04 -1.81 7.12
N ILE A 72 27.68 -0.79 7.88
CA ILE A 72 27.97 -0.75 9.33
C ILE A 72 26.72 -0.94 10.16
N VAL A 73 26.85 -1.69 11.25
CA VAL A 73 25.75 -1.98 12.16
C VAL A 73 26.20 -1.77 13.57
N THR A 74 25.24 -1.40 14.41
CA THR A 74 25.50 -1.28 15.82
C THR A 74 25.84 -2.65 16.43
N VAL A 75 26.70 -2.63 17.44
CA VAL A 75 26.95 -3.86 18.18
C VAL A 75 25.68 -4.16 18.98
N LYS A 76 25.06 -3.10 19.53
CA LYS A 76 23.87 -3.24 20.36
C LYS A 76 22.60 -3.54 19.56
N ASN A 77 21.76 -4.38 20.13
CA ASN A 77 20.38 -4.63 19.64
C ASN A 77 19.41 -3.63 20.29
N TYR A 78 18.41 -3.19 19.50
CA TYR A 78 17.38 -2.27 19.98
C TYR A 78 16.04 -2.87 19.67
N HIS A 79 15.10 -2.67 20.58
CA HIS A 79 13.71 -2.93 20.30
C HIS A 79 13.08 -1.58 20.03
N ASN A 80 12.55 -0.91 21.05
CA ASN A 80 12.00 0.44 20.90
C ASN A 80 13.09 1.48 20.99
N PHE A 81 13.01 2.47 20.10
CA PHE A 81 14.05 3.52 20.06
C PHE A 81 13.56 4.78 19.36
N GLN A 82 14.30 5.85 19.61
CA GLN A 82 14.14 7.08 18.87
C GLN A 82 15.53 7.57 18.51
N ILE A 83 15.80 7.72 17.21
CA ILE A 83 17.10 8.11 16.74
C ILE A 83 16.97 9.37 15.88
N LYS A 84 17.85 10.34 16.14
CA LYS A 84 17.96 11.46 15.27
CA LYS A 84 18.02 11.54 15.34
C LYS A 84 19.38 11.52 14.72
N TRP A 85 19.51 11.97 13.48
CA TRP A 85 20.84 12.06 12.89
C TRP A 85 20.86 13.08 11.77
N ASP A 86 22.05 13.59 11.48
CA ASP A 86 22.31 14.48 10.35
C ASP A 86 23.06 13.69 9.29
N TRP A 87 22.74 13.99 8.05
CA TRP A 87 23.36 13.29 6.93
C TRP A 87 23.52 14.17 5.71
N LYS A 88 24.44 13.77 4.86
CA LYS A 88 24.70 14.41 3.58
C LYS A 88 25.17 13.32 2.61
N ILE A 89 24.85 13.43 1.33
CA ILE A 89 25.32 12.46 0.33
C ILE A 89 26.05 13.18 -0.77
N GLY A 90 26.96 12.47 -1.40
CA GLY A 90 27.54 12.89 -2.67
C GLY A 90 26.56 12.70 -3.81
N ALA A 91 26.91 13.27 -4.96
CA ALA A 91 26.11 13.11 -6.18
C ALA A 91 25.91 11.65 -6.50
N GLN A 92 24.69 11.32 -6.90
CA GLN A 92 24.26 9.97 -7.22
C GLN A 92 24.33 8.99 -6.04
N GLY A 93 24.37 9.53 -4.82
CA GLY A 93 24.45 8.68 -3.63
C GLY A 93 23.23 7.81 -3.40
N ASN A 94 23.46 6.61 -2.87
CA ASN A 94 22.36 5.72 -2.49
C ASN A 94 22.73 5.06 -1.18
N SER A 95 22.21 5.64 -0.10
CA SER A 95 22.52 5.21 1.24
CA SER A 95 22.50 5.19 1.26
C SER A 95 21.21 4.99 2.00
N GLY A 96 21.30 4.68 3.29
CA GLY A 96 20.13 4.38 4.04
C GLY A 96 20.44 4.19 5.51
N PHE A 97 19.40 4.37 6.31
CA PHE A 97 19.38 3.98 7.72
C PHE A 97 18.42 2.79 7.80
N LEU A 98 18.85 1.70 8.45
CA LEU A 98 18.03 0.50 8.59
C LEU A 98 17.98 0.15 10.07
N TYR A 99 16.86 -0.42 10.48
CA TYR A 99 16.65 -0.81 11.88
C TYR A 99 16.10 -2.24 11.99
N HIS A 100 16.36 -2.84 13.14
CA HIS A 100 15.99 -4.22 13.45
C HIS A 100 16.61 -5.19 12.46
N VAL A 101 17.87 -4.92 12.16
CA VAL A 101 18.65 -5.74 11.25
C VAL A 101 19.12 -7.02 11.97
N GLN A 102 19.00 -8.15 11.26
CA GLN A 102 19.56 -9.42 11.72
C GLN A 102 20.83 -9.73 10.97
N GLU A 103 21.78 -10.32 11.67
CA GLU A 103 23.01 -10.82 11.10
C GLU A 103 23.02 -12.35 11.10
N GLY A 104 23.96 -12.89 10.33
CA GLY A 104 24.23 -14.32 10.33
C GLY A 104 24.53 -14.81 8.94
N PRO A 105 25.04 -16.03 8.83
CA PRO A 105 25.44 -16.57 7.51
C PRO A 105 24.30 -16.65 6.51
N LYS A 106 23.06 -16.81 6.97
CA LYS A 106 21.94 -16.90 6.05
C LYS A 106 21.66 -15.59 5.31
N TYR A 107 22.23 -14.47 5.79
CA TYR A 107 21.97 -13.12 5.23
C TYR A 107 23.18 -12.56 4.50
N LYS A 108 22.93 -12.00 3.32
CA LYS A 108 23.99 -11.36 2.56
C LYS A 108 24.02 -9.87 2.82
N ALA A 109 22.88 -9.33 3.19
CA ALA A 109 22.73 -7.88 3.35
C ALA A 109 21.73 -7.48 4.43
N PRO A 110 21.90 -6.30 5.02
CA PRO A 110 20.97 -5.80 6.04
C PRO A 110 19.54 -5.60 5.58
N PHE A 111 19.34 -5.20 4.32
CA PHE A 111 17.99 -4.96 3.78
C PHE A 111 17.08 -6.21 3.81
N GLU A 112 17.67 -7.41 3.90
CA GLU A 112 16.88 -8.65 3.92
C GLU A 112 16.04 -8.79 5.18
N THR A 113 16.35 -8.02 6.22
CA THR A 113 15.64 -8.10 7.48
C THR A 113 15.14 -6.75 8.01
N GLY A 114 15.98 -5.72 7.93
CA GLY A 114 15.65 -4.44 8.56
C GLY A 114 15.00 -3.47 7.59
N PRO A 115 13.87 -2.84 7.99
CA PRO A 115 13.34 -1.78 7.15
C PRO A 115 14.30 -0.63 6.99
N GLU A 116 14.22 0.04 5.83
CA GLU A 116 15.16 1.10 5.41
C GLU A 116 14.46 2.47 5.25
N TYR A 117 15.07 3.48 5.87
CA TYR A 117 14.80 4.87 5.58
C TYR A 117 15.80 5.28 4.54
N GLN A 118 15.30 5.60 3.36
CA GLN A 118 16.16 5.83 2.20
C GLN A 118 16.83 7.18 2.25
N LEU A 119 18.10 7.22 1.88
CA LEU A 119 18.87 8.44 1.75
C LEU A 119 19.54 8.44 0.36
N ILE A 120 18.94 9.11 -0.62
CA ILE A 120 19.32 8.87 -2.04
C ILE A 120 19.24 10.16 -2.84
N ASP A 121 20.01 10.25 -3.90
CA ASP A 121 20.00 11.42 -4.78
C ASP A 121 18.72 11.36 -5.61
N ASP A 122 17.66 11.98 -5.10
CA ASP A 122 16.30 11.81 -5.64
C ASP A 122 16.25 12.08 -7.14
N ASP A 123 16.94 13.13 -7.54
CA ASP A 123 16.83 13.65 -8.92
C ASP A 123 17.92 13.22 -9.86
N ASN A 124 19.04 12.72 -9.33
CA ASN A 124 20.21 12.36 -10.13
C ASN A 124 20.71 10.99 -9.67
N TYR A 125 19.92 9.98 -9.99
CA TYR A 125 20.29 8.62 -9.69
C TYR A 125 20.05 7.87 -10.99
N PRO A 126 21.12 7.38 -11.62
CA PRO A 126 21.04 6.89 -13.00
C PRO A 126 20.41 5.49 -13.21
N TRP A 127 19.41 5.15 -12.42
CA TRP A 127 18.71 3.89 -12.60
C TRP A 127 17.74 4.01 -13.78
N VAL A 128 17.70 2.96 -14.60
CA VAL A 128 16.83 2.90 -15.75
C VAL A 128 15.78 1.83 -15.51
N SER A 129 14.52 2.20 -15.70
CA SER A 129 13.40 1.28 -15.52
C SER A 129 13.31 0.22 -16.61
N GLU A 130 12.39 -0.71 -16.42
CA GLU A 130 12.14 -1.73 -17.45
C GLU A 130 11.67 -1.18 -18.80
N THR A 131 11.15 0.04 -18.85
CA THR A 131 10.72 0.67 -20.09
C THR A 131 11.80 1.57 -20.74
N GLY A 132 12.91 1.76 -20.08
CA GLY A 132 13.98 2.61 -20.61
C GLY A 132 13.91 4.05 -20.19
N LYS A 133 13.12 4.33 -19.15
CA LYS A 133 13.11 5.67 -18.56
C LYS A 133 14.09 5.77 -17.40
N GLU A 134 14.87 6.84 -17.38
CA GLU A 134 15.85 7.07 -16.31
C GLU A 134 15.21 7.79 -15.14
N GLY A 135 15.60 7.36 -13.94
CA GLY A 135 15.26 8.07 -12.72
C GLY A 135 14.32 7.33 -11.80
N LEU A 136 14.40 7.71 -10.54
CA LEU A 136 13.61 7.05 -9.50
C LEU A 136 12.19 7.55 -9.55
N GLU A 137 11.25 6.66 -9.23
CA GLU A 137 9.88 7.08 -8.99
C GLU A 137 9.83 7.61 -7.55
N ASP A 138 8.76 8.33 -7.22
CA ASP A 138 8.70 9.02 -5.94
C ASP A 138 8.77 8.06 -4.74
N TRP A 139 8.32 6.82 -4.92
CA TRP A 139 8.32 5.85 -3.84
C TRP A 139 9.62 5.13 -3.70
N GLN A 140 10.66 5.56 -4.43
CA GLN A 140 12.00 5.04 -4.28
C GLN A 140 13.00 6.11 -3.81
N LYS A 141 12.49 7.19 -3.25
CA LYS A 141 13.28 8.37 -2.96
C LYS A 141 13.48 8.63 -1.46
N THR A 142 14.20 9.71 -1.14
CA THR A 142 14.59 10.01 0.25
C THR A 142 13.41 10.06 1.20
N GLY A 143 13.58 9.41 2.32
CA GLY A 143 12.58 9.39 3.37
C GLY A 143 11.54 8.30 3.24
N CYS A 144 11.49 7.62 2.10
CA CYS A 144 10.62 6.47 1.98
C CYS A 144 11.06 5.36 2.95
N ASN A 145 10.09 4.58 3.42
CA ASN A 145 10.39 3.30 4.08
C ASN A 145 10.41 2.28 2.91
N TYR A 146 11.60 1.85 2.54
CA TYR A 146 11.84 1.23 1.22
CA TYR A 146 11.81 1.25 1.22
C TYR A 146 10.82 0.14 0.89
N ALA A 147 10.15 0.33 -0.25
CA ALA A 147 9.16 -0.63 -0.80
C ALA A 147 7.95 -0.82 0.09
N MSE A 148 7.72 0.11 1.01
CA MSE A 148 6.59 -0.01 1.91
C MSE A 148 5.76 1.28 1.93
O MSE A 148 4.54 1.23 1.72
CB MSE A 148 7.09 -0.35 3.31
CG MSE A 148 7.71 -1.74 3.45
SE MSE A 148 6.31 -3.12 3.23
CE MSE A 148 5.43 -2.92 4.90
N TYR A 149 6.40 2.42 2.19
CA TYR A 149 5.69 3.72 2.37
C TYR A 149 6.42 4.87 1.68
N VAL A 150 5.64 5.87 1.27
CA VAL A 150 6.13 7.06 0.52
C VAL A 150 5.47 8.31 1.12
N PRO A 151 6.26 9.38 1.35
CA PRO A 151 5.67 10.62 1.80
C PRO A 151 4.82 11.29 0.71
N GLU A 152 3.76 11.97 1.11
CA GLU A 152 3.01 12.79 0.13
C GLU A 152 3.77 14.08 -0.18
N THR A 153 4.38 14.67 0.84
CA THR A 153 5.22 15.84 0.65
C THR A 153 6.47 15.76 1.54
N LYS A 154 7.53 16.41 1.09
CA LYS A 154 8.73 16.50 1.92
C LYS A 154 9.58 17.68 1.53
N GLN A 155 10.59 17.93 2.35
CA GLN A 155 11.55 18.98 2.09
C GLN A 155 12.94 18.39 2.29
N VAL A 156 13.65 18.22 1.19
CA VAL A 156 14.99 17.60 1.23
C VAL A 156 15.98 18.59 0.68
N ASN A 157 17.12 18.74 1.35
CA ASN A 157 18.18 19.59 0.84
C ASN A 157 18.97 18.71 -0.12
N PRO A 158 19.38 19.27 -1.27
CA PRO A 158 20.00 18.45 -2.27
C PRO A 158 21.44 17.97 -1.94
N PRO A 159 21.99 17.04 -2.76
CA PRO A 159 23.26 16.44 -2.46
C PRO A 159 24.33 17.49 -2.23
N GLY A 160 25.15 17.26 -1.22
CA GLY A 160 26.17 18.19 -0.82
C GLY A 160 25.70 19.12 0.29
N GLU A 161 24.41 19.09 0.61
CA GLU A 161 23.88 19.84 1.74
C GLU A 161 23.42 18.89 2.84
N TRP A 162 23.50 19.38 4.08
CA TRP A 162 23.10 18.59 5.23
C TRP A 162 21.59 18.55 5.35
N ASN A 163 21.14 17.41 5.90
CA ASN A 163 19.75 17.13 6.20
C ASN A 163 19.70 16.55 7.61
N SER A 164 18.55 16.70 8.26
CA SER A 164 18.29 16.08 9.53
C SER A 164 17.14 15.07 9.39
N SER A 165 17.29 13.93 10.05
CA SER A 165 16.23 12.90 10.03
C SER A 165 15.99 12.36 11.42
N MSE A 166 14.81 11.76 11.59
CA MSE A 166 14.49 11.06 12.82
CA MSE A 166 14.50 11.05 12.82
C MSE A 166 13.57 9.87 12.52
O MSE A 166 12.70 9.95 11.64
CB MSE A 166 13.83 12.00 13.84
CB MSE A 166 13.84 11.96 13.85
CG MSE A 166 13.61 11.40 15.20
CG MSE A 166 13.66 11.32 15.20
SE MSE A 166 11.86 10.66 15.46
SE MSE A 166 12.68 12.42 16.41
CE MSE A 166 11.00 12.34 15.87
CE MSE A 166 10.88 11.93 15.86
N VAL A 167 13.80 8.78 13.23
CA VAL A 167 12.93 7.59 13.19
C VAL A 167 12.60 7.23 14.63
N LEU A 168 11.33 6.94 14.85
CA LEU A 168 10.81 6.42 16.13
C LEU A 168 10.23 5.05 15.84
N TYR A 169 10.52 4.09 16.73
CA TYR A 169 9.86 2.80 16.77
C TYR A 169 9.40 2.54 18.20
N LYS A 170 8.11 2.34 18.37
CA LYS A 170 7.53 2.06 19.67
C LYS A 170 6.44 0.99 19.54
N ASP A 171 6.78 -0.25 19.89
CA ASP A 171 5.82 -1.38 19.84
C ASP A 171 5.11 -1.47 18.50
N GLY A 172 5.91 -1.35 17.46
CA GLY A 172 5.45 -1.44 16.08
C GLY A 172 4.94 -0.15 15.43
N TYR A 173 4.71 0.88 16.24
CA TYR A 173 4.38 2.20 15.74
C TYR A 173 5.65 2.89 15.29
N VAL A 174 5.66 3.33 14.05
CA VAL A 174 6.85 3.93 13.43
C VAL A 174 6.52 5.32 12.89
N GLU A 175 7.42 6.27 13.12
CA GLU A 175 7.42 7.55 12.42
C GLU A 175 8.71 7.78 11.68
N HIS A 176 8.60 8.38 10.47
CA HIS A 176 9.73 8.92 9.72
C HIS A 176 9.61 10.44 9.72
N TRP A 177 10.70 11.13 10.05
CA TRP A 177 10.77 12.58 9.97
C TRP A 177 11.94 13.00 9.13
N LEU A 178 11.78 14.11 8.41
CA LEU A 178 12.86 14.70 7.61
C LEU A 178 12.80 16.23 7.73
N ASN A 179 13.93 16.83 8.14
CA ASN A 179 14.07 18.26 8.33
C ASN A 179 12.91 18.86 9.11
N GLY A 180 12.58 18.17 10.20
CA GLY A 180 11.56 18.66 11.10
C GLY A 180 10.12 18.29 10.80
N GLU A 181 9.84 17.72 9.61
CA GLU A 181 8.50 17.36 9.17
C GLU A 181 8.24 15.88 9.34
N LYS A 182 7.08 15.52 9.88
CA LYS A 182 6.66 14.14 9.92
C LYS A 182 6.21 13.71 8.55
N LEU A 183 6.94 12.79 7.93
CA LEU A 183 6.62 12.28 6.61
C LEU A 183 5.44 11.35 6.58
N PHE A 184 5.36 10.47 7.57
CA PHE A 184 4.25 9.52 7.73
C PHE A 184 4.46 8.76 9.04
N SER A 185 3.41 8.11 9.49
CA SER A 185 3.57 7.09 10.50
C SER A 185 2.78 5.85 10.07
N PHE A 186 3.09 4.72 10.70
CA PHE A 186 2.39 3.48 10.43
C PHE A 186 2.52 2.54 11.62
N GLN A 187 1.72 1.47 11.57
CA GLN A 187 1.73 0.47 12.61
C GLN A 187 1.98 -0.89 11.98
N GLU A 188 3.10 -1.50 12.37
CA GLU A 188 3.42 -2.87 11.97
C GLU A 188 2.30 -3.79 12.41
N GLY A 189 1.94 -4.72 11.54
CA GLY A 189 0.86 -5.66 11.88
C GLY A 189 -0.55 -5.12 11.69
N SER A 190 -0.70 -3.85 11.28
CA SER A 190 -2.00 -3.29 10.87
C SER A 190 -2.37 -4.00 9.59
N GLU A 191 -3.63 -3.90 9.20
CA GLU A 191 -4.06 -4.57 8.00
C GLU A 191 -3.33 -3.96 6.83
N ASP A 192 -3.20 -2.63 6.85
CA ASP A 192 -2.54 -1.94 5.74
C ASP A 192 -1.08 -2.38 5.63
N TRP A 193 -0.40 -2.47 6.77
CA TRP A 193 1.02 -2.88 6.78
C TRP A 193 1.16 -4.30 6.27
N LYS A 194 0.29 -5.20 6.71
CA LYS A 194 0.35 -6.59 6.29
C LYS A 194 0.18 -6.70 4.78
N MSE A 195 -0.74 -5.91 4.22
CA MSE A 195 -0.94 -5.90 2.79
C MSE A 195 0.31 -5.48 2.04
O MSE A 195 0.69 -6.10 1.05
CB MSE A 195 -2.12 -5.02 2.39
CG MSE A 195 -2.32 -4.98 0.90
SE MSE A 195 -3.74 -3.73 0.49
CE MSE A 195 -4.15 -4.52 -1.23
N ARG A 196 0.95 -4.41 2.50
CA ARG A 196 2.16 -3.93 1.86
C ARG A 196 3.28 -4.96 1.98
N ARG A 197 3.38 -5.58 3.14
CA ARG A 197 4.45 -6.52 3.47
C ARG A 197 4.37 -7.79 2.62
N TYR A 198 3.16 -8.30 2.43
CA TYR A 198 2.96 -9.60 1.79
C TYR A 198 2.41 -9.58 0.37
N SER A 199 1.95 -8.42 -0.09
CA SER A 199 1.52 -8.25 -1.49
C SER A 199 2.59 -7.50 -2.27
N GLY A 200 3.36 -6.67 -1.57
CA GLY A 200 4.46 -5.95 -2.19
C GLY A 200 5.62 -6.86 -2.60
N LYS A 201 6.82 -6.32 -2.44
CA LYS A 201 7.96 -6.79 -3.21
C LYS A 201 8.91 -7.77 -2.46
N TRP A 202 8.41 -8.54 -1.49
CA TRP A 202 9.32 -9.24 -0.54
C TRP A 202 9.32 -10.78 -0.57
N GLU A 203 8.64 -11.37 -1.55
CA GLU A 203 8.54 -12.83 -1.65
C GLU A 203 9.90 -13.53 -1.52
N ALA A 204 10.97 -12.95 -2.06
CA ALA A 204 12.31 -13.55 -1.98
C ALA A 204 13.01 -13.34 -0.62
N PHE A 205 12.35 -12.61 0.29
CA PHE A 205 12.93 -12.21 1.59
C PHE A 205 11.96 -12.50 2.75
N PRO A 206 11.82 -13.77 3.10
CA PRO A 206 10.80 -14.15 4.06
C PRO A 206 11.03 -13.65 5.47
N ASP A 207 12.25 -13.21 5.79
CA ASP A 207 12.56 -12.71 7.11
C ASP A 207 12.51 -11.16 7.17
N TYR A 208 12.10 -10.52 6.08
CA TYR A 208 12.00 -9.06 6.07
C TYR A 208 10.99 -8.64 7.10
N GLY A 209 11.47 -7.81 8.01
CA GLY A 209 10.60 -7.09 8.92
C GLY A 209 9.89 -7.96 9.93
N ILE A 210 10.38 -9.19 10.17
CA ILE A 210 9.74 -10.09 11.11
C ILE A 210 10.20 -9.85 12.54
N SER A 211 11.52 -9.80 12.79
CA SER A 211 12.00 -9.56 14.14
C SER A 211 11.78 -8.09 14.49
N THR A 212 11.28 -7.84 15.70
CA THR A 212 11.12 -6.46 16.18
C THR A 212 12.29 -5.97 17.02
N THR A 213 13.36 -6.76 17.11
CA THR A 213 14.57 -6.38 17.83
C THR A 213 15.74 -6.70 16.90
N GLY A 214 16.69 -5.80 16.81
CA GLY A 214 17.89 -6.06 16.02
C GLY A 214 18.83 -4.87 15.99
N LYS A 215 19.76 -4.88 15.06
CA LYS A 215 20.73 -3.82 14.98
C LYS A 215 20.19 -2.62 14.25
N LEU A 216 20.85 -1.48 14.48
CA LEU A 216 20.65 -0.30 13.64
C LEU A 216 21.81 -0.26 12.68
N CYS A 217 21.63 0.37 11.52
CA CYS A 217 22.55 0.20 10.41
C CYS A 217 22.61 1.43 9.52
N PHE A 218 23.82 1.78 9.08
CA PHE A 218 23.97 2.72 7.97
C PHE A 218 24.53 1.94 6.80
N GLN A 219 23.95 2.17 5.63
CA GLN A 219 24.49 1.55 4.43
C GLN A 219 24.87 2.54 3.40
N ASP A 220 25.84 2.20 2.59
CA ASP A 220 26.20 3.06 1.48
C ASP A 220 26.37 2.19 0.25
N HIS A 221 25.45 2.32 -0.69
CA HIS A 221 25.50 1.56 -1.95
C HIS A 221 25.89 2.41 -3.16
N GLY A 222 26.47 3.57 -2.92
CA GLY A 222 27.09 4.37 -3.98
C GLY A 222 27.38 5.79 -3.54
N SER A 223 28.57 6.30 -3.91
CA SER A 223 29.05 7.66 -3.64
C SER A 223 29.34 7.81 -2.16
N LYS A 224 29.82 8.99 -1.81
CA LYS A 224 30.10 9.28 -0.42
C LYS A 224 28.79 9.49 0.33
N VAL A 225 28.80 9.13 1.59
CA VAL A 225 27.75 9.54 2.53
C VAL A 225 28.42 10.02 3.81
N TYR A 226 27.76 10.93 4.52
CA TYR A 226 28.30 11.54 5.71
C TYR A 226 27.24 11.50 6.80
N PHE A 227 27.60 11.03 7.99
CA PHE A 227 26.70 11.01 9.13
C PHE A 227 27.31 11.69 10.37
N LYS A 228 26.52 12.46 11.08
CA LYS A 228 26.99 13.00 12.36
C LYS A 228 25.80 13.30 13.23
N ASN A 229 26.07 13.72 14.46
CA ASN A 229 25.02 14.03 15.43
C ASN A 229 24.01 12.89 15.55
N VAL A 230 24.53 11.67 15.71
CA VAL A 230 23.75 10.45 15.75
C VAL A 230 23.45 10.18 17.21
N LYS A 231 22.21 10.48 17.58
CA LYS A 231 21.77 10.49 18.98
C LYS A 231 20.58 9.56 19.13
N ILE A 232 20.62 8.69 20.13
CA ILE A 232 19.65 7.62 20.29
C ILE A 232 19.07 7.63 21.72
N LYS A 233 17.75 7.46 21.79
CA LYS A 233 17.04 7.12 23.01
C LYS A 233 16.65 5.66 22.93
N ASP A 234 17.04 4.90 23.96
CA ASP A 234 16.68 3.48 24.05
C ASP A 234 15.40 3.44 24.86
N LEU A 235 14.25 3.24 24.22
CA LEU A 235 12.95 3.40 24.86
C LEU A 235 12.49 2.13 25.62
N ASP A 236 11.51 2.31 26.50
CA ASP A 236 10.88 1.16 27.14
C ASP A 236 10.12 0.37 26.08
N LYS B 8 -41.07 -0.53 -0.19
CA LYS B 8 -39.88 0.14 0.37
C LYS B 8 -38.66 -0.17 -0.52
N ASP B 9 -38.46 -1.43 -0.94
CA ASP B 9 -37.28 -1.78 -1.76
C ASP B 9 -37.40 -1.22 -3.16
N ASN B 10 -36.27 -0.73 -3.68
CA ASN B 10 -36.21 -0.15 -5.02
C ASN B 10 -37.11 1.08 -5.20
N VAL B 11 -37.28 1.85 -4.11
CA VAL B 11 -38.01 3.12 -4.10
C VAL B 11 -37.15 4.19 -3.42
N LEU B 12 -37.03 5.33 -4.09
CA LEU B 12 -36.30 6.47 -3.53
C LEU B 12 -37.10 7.10 -2.41
N THR B 13 -36.45 7.34 -1.27
CA THR B 13 -37.04 8.17 -0.20
C THR B 13 -37.04 9.63 -0.65
N GLU B 14 -37.87 10.47 -0.04
CA GLU B 14 -37.89 11.89 -0.39
C GLU B 14 -36.51 12.52 -0.17
N GLU B 15 -35.83 12.14 0.92
CA GLU B 15 -34.47 12.61 1.17
C GLU B 15 -33.45 12.18 0.10
N GLU B 16 -33.55 10.94 -0.37
CA GLU B 16 -32.68 10.48 -1.46
C GLU B 16 -32.95 11.26 -2.75
N LYS B 17 -34.21 11.51 -3.08
CA LYS B 17 -34.54 12.35 -4.24
C LYS B 17 -33.97 13.73 -4.06
N ALA B 18 -34.09 14.28 -2.85
CA ALA B 18 -33.56 15.61 -2.52
C ALA B 18 -32.04 15.67 -2.69
N GLU B 19 -31.36 14.57 -2.37
CA GLU B 19 -29.92 14.49 -2.57
C GLU B 19 -29.51 14.23 -4.04
N GLY B 20 -30.45 13.90 -4.90
CA GLY B 20 -30.16 13.70 -6.32
C GLY B 20 -29.95 12.27 -6.73
N TYR B 21 -30.30 11.34 -5.86
CA TYR B 21 -30.28 9.91 -6.21
C TYR B 21 -31.37 9.56 -7.21
N THR B 22 -31.06 8.64 -8.11
CA THR B 22 -32.05 8.01 -8.97
C THR B 22 -31.84 6.51 -8.90
N LEU B 23 -32.82 5.74 -9.35
CA LEU B 23 -32.70 4.29 -9.36
C LEU B 23 -31.81 3.84 -10.51
N LEU B 24 -30.73 3.14 -10.18
CA LEU B 24 -29.91 2.49 -11.19
C LEU B 24 -30.45 1.11 -11.56
N PHE B 25 -31.16 0.47 -10.63
CA PHE B 25 -31.98 -0.73 -10.88
C PHE B 25 -33.43 -0.33 -10.57
N ASN B 26 -34.32 -0.51 -11.54
CA ASN B 26 -35.73 -0.10 -11.39
C ASN B 26 -36.61 -1.08 -10.61
N GLY B 27 -36.04 -2.21 -10.15
CA GLY B 27 -36.83 -3.18 -9.39
C GLY B 27 -37.54 -4.23 -10.24
N LYS B 28 -37.56 -4.07 -11.55
CA LYS B 28 -38.37 -4.94 -12.40
C LYS B 28 -37.61 -5.58 -13.55
N ASP B 29 -36.63 -4.91 -14.12
CA ASP B 29 -35.92 -5.48 -15.26
C ASP B 29 -34.48 -4.92 -15.34
N PHE B 30 -33.78 -5.26 -16.41
CA PHE B 30 -32.39 -4.80 -16.64
C PHE B 30 -32.27 -3.54 -17.50
N THR B 31 -33.33 -2.72 -17.55
CA THR B 31 -33.22 -1.40 -18.19
C THR B 31 -32.01 -0.67 -17.59
N GLY B 32 -31.10 -0.22 -18.47
CA GLY B 32 -29.86 0.45 -18.07
C GLY B 32 -28.62 -0.43 -17.99
N TRP B 33 -28.80 -1.72 -18.19
CA TRP B 33 -27.73 -2.70 -18.04
C TRP B 33 -27.55 -3.53 -19.32
N LYS B 34 -26.33 -4.05 -19.48
CA LYS B 34 -25.96 -4.94 -20.58
C LYS B 34 -24.89 -5.91 -20.08
N MSE B 35 -24.62 -6.91 -20.89
CA MSE B 35 -23.53 -7.84 -20.61
CA MSE B 35 -23.53 -7.86 -20.64
C MSE B 35 -22.20 -7.17 -20.93
O MSE B 35 -22.08 -6.44 -21.93
CB MSE B 35 -23.67 -9.11 -21.45
CB MSE B 35 -23.71 -9.09 -21.54
CG MSE B 35 -24.92 -9.92 -21.14
CG MSE B 35 -22.60 -10.15 -21.48
SE MSE B 35 -25.09 -10.42 -19.26
SE MSE B 35 -23.00 -11.72 -22.59
CE MSE B 35 -23.71 -11.76 -19.22
CE MSE B 35 -21.20 -12.36 -22.88
N PHE B 36 -21.20 -7.40 -20.09
CA PHE B 36 -19.82 -6.96 -20.37
C PHE B 36 -19.41 -7.55 -21.73
N ASN B 37 -18.96 -6.68 -22.65
CA ASN B 37 -18.59 -7.10 -23.98
C ASN B 37 -19.72 -7.80 -24.73
N GLY B 38 -20.98 -7.48 -24.40
CA GLY B 38 -22.13 -8.18 -24.97
C GLY B 38 -23.31 -7.25 -25.17
N GLY B 39 -24.49 -7.86 -25.33
CA GLY B 39 -25.73 -7.14 -25.53
C GLY B 39 -26.61 -7.36 -24.33
N ASP B 40 -27.86 -7.80 -24.57
CA ASP B 40 -28.85 -7.86 -23.49
C ASP B 40 -28.41 -8.78 -22.36
N VAL B 41 -28.82 -8.45 -21.14
CA VAL B 41 -28.45 -9.26 -19.98
C VAL B 41 -29.02 -10.68 -20.12
N LYS B 42 -28.14 -11.68 -20.03
CA LYS B 42 -28.54 -13.08 -19.86
C LYS B 42 -27.70 -13.73 -18.75
N GLY B 43 -28.24 -14.79 -18.13
CA GLY B 43 -27.58 -15.47 -16.98
C GLY B 43 -27.76 -14.74 -15.65
N TRP B 44 -28.57 -13.70 -15.68
CA TRP B 44 -29.05 -13.01 -14.49
C TRP B 44 -30.55 -12.86 -14.69
N GLN B 45 -31.31 -12.78 -13.61
CA GLN B 45 -32.74 -12.56 -13.70
C GLN B 45 -33.15 -11.52 -12.68
N VAL B 46 -34.30 -10.88 -12.87
CA VAL B 46 -34.92 -10.13 -11.78
C VAL B 46 -35.98 -11.04 -11.19
N GLU B 47 -35.90 -11.30 -9.88
CA GLU B 47 -36.85 -12.16 -9.20
C GLU B 47 -37.25 -11.41 -7.96
N ASP B 48 -38.52 -11.06 -7.83
CA ASP B 48 -39.06 -10.53 -6.58
C ASP B 48 -38.33 -9.23 -6.18
N GLY B 49 -38.06 -8.38 -7.16
CA GLY B 49 -37.48 -7.07 -6.88
C GLY B 49 -36.00 -7.13 -6.61
N VAL B 50 -35.35 -8.22 -7.02
CA VAL B 50 -33.94 -8.45 -6.71
C VAL B 50 -33.25 -8.87 -7.99
N ILE B 51 -32.07 -8.30 -8.25
CA ILE B 51 -31.22 -8.81 -9.31
C ILE B 51 -30.56 -10.07 -8.79
N VAL B 52 -30.71 -11.16 -9.53
CA VAL B 52 -30.12 -12.44 -9.16
C VAL B 52 -29.16 -12.85 -10.23
N GLY B 53 -27.91 -13.07 -9.83
CA GLY B 53 -26.89 -13.58 -10.71
C GLY B 53 -26.69 -15.04 -10.39
N TYR B 54 -26.65 -15.87 -11.44
CA TYR B 54 -26.54 -17.33 -11.30
C TYR B 54 -25.11 -17.87 -11.50
N GLY B 55 -24.21 -17.03 -12.01
CA GLY B 55 -22.77 -17.31 -11.98
C GLY B 55 -22.32 -18.47 -12.86
N ALA B 62 -27.97 -24.98 -23.84
CA ALA B 62 -26.67 -24.98 -24.50
C ALA B 62 -26.36 -26.30 -25.20
N ASP B 63 -26.18 -26.23 -26.53
CA ASP B 63 -25.38 -27.22 -27.27
C ASP B 63 -24.04 -26.50 -27.58
N THR B 64 -23.40 -26.05 -26.50
CA THR B 64 -22.23 -25.19 -26.58
C THR B 64 -21.37 -25.32 -25.31
N THR B 65 -20.07 -25.15 -25.49
CA THR B 65 -19.09 -25.21 -24.42
C THR B 65 -18.37 -23.86 -24.21
N ILE B 66 -18.75 -22.84 -24.97
CA ILE B 66 -18.06 -21.55 -24.94
C ILE B 66 -18.38 -20.84 -23.61
N LYS B 67 -17.36 -20.26 -23.00
CA LYS B 67 -17.45 -19.58 -21.70
C LYS B 67 -16.98 -18.13 -21.83
N VAL B 68 -17.92 -17.19 -21.77
CA VAL B 68 -17.58 -15.76 -21.84
C VAL B 68 -18.00 -15.06 -20.54
N SER B 69 -17.58 -13.81 -20.38
CA SER B 69 -17.90 -13.05 -19.17
C SER B 69 -19.40 -12.97 -19.01
N THR B 70 -19.86 -13.27 -17.81
CA THR B 70 -21.25 -13.14 -17.44
C THR B 70 -21.51 -11.89 -16.60
N ASP B 71 -20.53 -11.00 -16.47
CA ASP B 71 -20.69 -9.84 -15.63
C ASP B 71 -21.63 -8.81 -16.28
N ILE B 72 -22.38 -8.07 -15.47
CA ILE B 72 -23.23 -7.02 -16.01
C ILE B 72 -22.62 -5.63 -15.83
N VAL B 73 -22.80 -4.79 -16.85
CA VAL B 73 -22.31 -3.41 -16.83
C VAL B 73 -23.42 -2.44 -17.21
N THR B 74 -23.32 -1.21 -16.71
CA THR B 74 -24.21 -0.15 -17.13
C THR B 74 -23.99 0.17 -18.59
N VAL B 75 -25.06 0.55 -19.27
CA VAL B 75 -24.97 1.08 -20.62
C VAL B 75 -24.26 2.44 -20.61
N LYS B 76 -24.59 3.25 -19.61
CA LYS B 76 -24.02 4.57 -19.43
C LYS B 76 -22.61 4.55 -18.86
N ASN B 77 -21.78 5.45 -19.37
CA ASN B 77 -20.47 5.75 -18.82
C ASN B 77 -20.58 6.81 -17.71
N TYR B 78 -19.83 6.61 -16.62
CA TYR B 78 -19.80 7.51 -15.49
C TYR B 78 -18.41 8.00 -15.22
N HIS B 79 -18.31 9.25 -14.77
CA HIS B 79 -17.07 9.81 -14.26
C HIS B 79 -17.26 9.87 -12.77
N ASN B 80 -17.79 10.98 -12.25
CA ASN B 80 -17.97 11.13 -10.80
C ASN B 80 -19.34 10.62 -10.41
N PHE B 81 -19.43 9.95 -9.27
CA PHE B 81 -20.68 9.32 -8.85
C PHE B 81 -20.67 8.95 -7.39
N GLN B 82 -21.85 8.75 -6.85
CA GLN B 82 -21.99 8.15 -5.54
C GLN B 82 -23.06 7.08 -5.68
N ILE B 83 -22.71 5.82 -5.38
CA ILE B 83 -23.65 4.72 -5.56
C ILE B 83 -23.85 3.98 -4.23
N LYS B 84 -25.09 3.72 -3.84
CA LYS B 84 -25.41 2.85 -2.72
C LYS B 84 -26.05 1.58 -3.30
N TRP B 85 -25.79 0.45 -2.66
CA TRP B 85 -26.48 -0.77 -3.02
C TRP B 85 -26.55 -1.76 -1.85
N ASP B 86 -27.55 -2.64 -1.90
CA ASP B 86 -27.66 -3.77 -0.99
C ASP B 86 -27.29 -5.04 -1.73
N TRP B 87 -26.64 -5.94 -1.01
CA TRP B 87 -26.14 -7.18 -1.57
C TRP B 87 -26.14 -8.36 -0.60
N LYS B 88 -26.26 -9.55 -1.19
CA LYS B 88 -26.26 -10.80 -0.45
C LYS B 88 -25.52 -11.80 -1.33
N ILE B 89 -24.66 -12.58 -0.71
CA ILE B 89 -23.98 -13.67 -1.40
C ILE B 89 -24.36 -15.03 -0.80
N GLY B 90 -24.08 -16.07 -1.57
CA GLY B 90 -24.13 -17.44 -1.05
C GLY B 90 -22.83 -17.85 -0.39
N ALA B 91 -22.89 -18.96 0.33
CA ALA B 91 -21.67 -19.57 0.85
C ALA B 91 -20.68 -19.78 -0.30
N GLN B 92 -19.43 -19.42 -0.03
CA GLN B 92 -18.32 -19.50 -0.99
C GLN B 92 -18.47 -18.61 -2.24
N GLY B 93 -19.33 -17.60 -2.14
CA GLY B 93 -19.55 -16.64 -3.21
C GLY B 93 -18.39 -15.69 -3.43
N ASN B 94 -18.27 -15.26 -4.67
CA ASN B 94 -17.29 -14.27 -5.07
C ASN B 94 -18.02 -13.40 -6.08
N SER B 95 -18.24 -12.16 -5.69
CA SER B 95 -18.79 -11.15 -6.56
C SER B 95 -18.00 -9.87 -6.38
N GLY B 96 -18.58 -8.75 -6.78
CA GLY B 96 -17.90 -7.48 -6.69
C GLY B 96 -18.64 -6.40 -7.40
N PHE B 97 -18.34 -5.16 -7.00
CA PHE B 97 -18.77 -3.96 -7.72
C PHE B 97 -17.53 -3.30 -8.29
N LEU B 98 -17.55 -3.01 -9.59
CA LEU B 98 -16.44 -2.40 -10.26
C LEU B 98 -16.89 -1.12 -10.93
N TYR B 99 -15.96 -0.18 -11.02
CA TYR B 99 -16.26 1.11 -11.62
C TYR B 99 -15.20 1.55 -12.62
N HIS B 100 -15.59 2.46 -13.50
CA HIS B 100 -14.75 2.94 -14.59
C HIS B 100 -14.17 1.77 -15.42
N VAL B 101 -15.06 0.83 -15.71
CA VAL B 101 -14.75 -0.35 -16.50
C VAL B 101 -14.75 0.04 -17.98
N GLN B 102 -13.77 -0.48 -18.68
CA GLN B 102 -13.67 -0.37 -20.14
C GLN B 102 -13.99 -1.72 -20.78
N GLU B 103 -14.63 -1.66 -21.94
CA GLU B 103 -14.99 -2.83 -22.73
C GLU B 103 -14.15 -2.86 -23.99
N GLY B 104 -14.20 -3.98 -24.69
CA GLY B 104 -13.50 -4.12 -25.95
C GLY B 104 -12.82 -5.47 -26.02
N PRO B 105 -12.40 -5.87 -27.23
CA PRO B 105 -11.80 -7.19 -27.43
C PRO B 105 -10.43 -7.36 -26.86
N LYS B 106 -9.79 -6.26 -26.47
CA LYS B 106 -8.56 -6.28 -25.71
C LYS B 106 -8.75 -6.98 -24.33
N TYR B 107 -9.98 -7.00 -23.82
CA TYR B 107 -10.28 -7.46 -22.46
C TYR B 107 -11.19 -8.68 -22.42
N LYS B 108 -10.93 -9.57 -21.46
CA LYS B 108 -11.81 -10.71 -21.18
C LYS B 108 -12.74 -10.44 -19.99
N ALA B 109 -12.33 -9.52 -19.12
CA ALA B 109 -13.05 -9.28 -17.89
C ALA B 109 -12.99 -7.81 -17.43
N PRO B 110 -14.01 -7.35 -16.71
CA PRO B 110 -14.05 -5.97 -16.21
C PRO B 110 -12.92 -5.60 -15.23
N PHE B 111 -12.40 -6.56 -14.46
CA PHE B 111 -11.34 -6.27 -13.46
C PHE B 111 -10.03 -5.82 -14.10
N GLU B 112 -9.88 -6.06 -15.41
CA GLU B 112 -8.67 -5.65 -16.09
C GLU B 112 -8.49 -4.12 -16.16
N THR B 113 -9.59 -3.39 -16.04
CA THR B 113 -9.59 -1.94 -16.13
C THR B 113 -10.22 -1.20 -14.95
N GLY B 114 -11.33 -1.72 -14.42
CA GLY B 114 -12.10 -1.02 -13.39
C GLY B 114 -11.73 -1.46 -11.99
N PRO B 115 -11.43 -0.51 -11.08
CA PRO B 115 -11.20 -0.88 -9.67
C PRO B 115 -12.42 -1.56 -9.04
N GLU B 116 -12.18 -2.48 -8.10
CA GLU B 116 -13.19 -3.36 -7.56
C GLU B 116 -13.38 -3.19 -6.07
N TYR B 117 -14.64 -3.06 -5.67
CA TYR B 117 -15.05 -3.18 -4.28
C TYR B 117 -15.47 -4.64 -4.14
N GLN B 118 -14.66 -5.39 -3.39
CA GLN B 118 -14.80 -6.83 -3.28
C GLN B 118 -16.03 -7.23 -2.46
N LEU B 119 -16.76 -8.24 -2.97
CA LEU B 119 -17.92 -8.84 -2.26
C LEU B 119 -17.69 -10.35 -2.26
N ILE B 120 -17.30 -10.89 -1.13
CA ILE B 120 -16.81 -12.29 -1.10
C ILE B 120 -17.11 -12.96 0.24
N ASP B 121 -17.17 -14.29 0.22
CA ASP B 121 -17.31 -15.05 1.49
C ASP B 121 -15.98 -15.03 2.24
N ASP B 122 -15.81 -14.00 3.07
CA ASP B 122 -14.54 -13.76 3.75
C ASP B 122 -13.95 -14.97 4.42
N ASP B 123 -14.80 -15.72 5.13
CA ASP B 123 -14.31 -16.76 6.03
C ASP B 123 -14.26 -18.14 5.44
N ASN B 124 -14.98 -18.37 4.35
CA ASN B 124 -15.18 -19.72 3.81
C ASN B 124 -14.98 -19.80 2.28
N TYR B 125 -14.39 -18.78 1.67
CA TYR B 125 -14.03 -18.88 0.26
C TYR B 125 -12.85 -19.84 0.11
N PRO B 126 -12.96 -20.85 -0.78
CA PRO B 126 -11.93 -21.90 -0.81
C PRO B 126 -10.71 -21.47 -1.61
N TRP B 127 -9.85 -20.71 -0.94
CA TRP B 127 -8.60 -20.24 -1.50
C TRP B 127 -7.52 -20.95 -0.71
N VAL B 128 -6.73 -21.79 -1.38
CA VAL B 128 -5.57 -22.44 -0.75
C VAL B 128 -4.30 -21.73 -1.16
N SER B 129 -3.54 -21.26 -0.17
CA SER B 129 -2.33 -20.46 -0.41
C SER B 129 -1.20 -21.32 -0.97
N GLU B 130 -0.18 -20.63 -1.45
CA GLU B 130 1.10 -21.24 -1.86
C GLU B 130 1.58 -22.39 -0.95
N THR B 131 1.61 -22.14 0.36
CA THR B 131 2.12 -23.10 1.35
C THR B 131 1.14 -24.24 1.75
N GLY B 132 -0.09 -24.22 1.21
CA GLY B 132 -1.14 -25.20 1.59
C GLY B 132 -2.05 -24.72 2.73
N LYS B 133 -2.09 -23.40 2.91
CA LYS B 133 -2.89 -22.79 3.95
C LYS B 133 -4.17 -22.30 3.27
N GLU B 134 -5.32 -22.68 3.83
CA GLU B 134 -6.59 -22.29 3.25
C GLU B 134 -6.96 -20.91 3.77
N GLY B 135 -7.57 -20.13 2.91
CA GLY B 135 -8.30 -18.91 3.31
C GLY B 135 -7.77 -17.67 2.64
N LEU B 136 -8.68 -16.77 2.29
CA LEU B 136 -8.30 -15.48 1.73
C LEU B 136 -7.41 -14.70 2.71
N GLU B 137 -6.46 -13.94 2.17
CA GLU B 137 -5.75 -12.94 2.95
C GLU B 137 -6.70 -11.76 3.15
N ASP B 138 -6.50 -11.00 4.23
CA ASP B 138 -7.47 -9.95 4.58
C ASP B 138 -7.64 -8.88 3.52
N TRP B 139 -6.60 -8.65 2.71
CA TRP B 139 -6.67 -7.69 1.62
C TRP B 139 -7.45 -8.21 0.40
N GLN B 140 -7.94 -9.44 0.46
CA GLN B 140 -8.73 -10.00 -0.60
C GLN B 140 -10.20 -10.11 -0.19
N LYS B 141 -10.57 -9.55 0.94
CA LYS B 141 -11.89 -9.75 1.53
C LYS B 141 -12.86 -8.57 1.27
N THR B 142 -14.08 -8.74 1.77
CA THR B 142 -15.18 -7.81 1.48
C THR B 142 -14.81 -6.38 1.87
N GLY B 143 -15.10 -5.45 0.96
CA GLY B 143 -14.94 -4.02 1.21
C GLY B 143 -13.59 -3.48 0.80
N CYS B 144 -12.66 -4.38 0.49
CA CYS B 144 -11.35 -3.97 0.01
C CYS B 144 -11.52 -3.36 -1.36
N ASN B 145 -10.62 -2.45 -1.69
CA ASN B 145 -10.41 -2.01 -3.06
C ASN B 145 -9.34 -2.96 -3.58
N TYR B 146 -9.78 -3.95 -4.35
CA TYR B 146 -9.05 -5.20 -4.53
C TYR B 146 -7.60 -4.95 -4.98
N ALA B 147 -6.67 -5.49 -4.21
CA ALA B 147 -5.24 -5.40 -4.48
C ALA B 147 -4.70 -3.97 -4.34
N MSE B 148 -5.46 -3.08 -3.70
CA MSE B 148 -5.04 -1.71 -3.51
C MSE B 148 -5.15 -1.30 -2.03
O MSE B 148 -4.16 -0.92 -1.43
CB MSE B 148 -5.81 -0.77 -4.45
CG MSE B 148 -5.54 -0.98 -5.94
SE MSE B 148 -3.72 -0.32 -6.37
CE MSE B 148 -4.13 1.55 -6.04
N TYR B 149 -6.36 -1.39 -1.44
CA TYR B 149 -6.59 -0.94 -0.06
C TYR B 149 -7.42 -1.96 0.74
N VAL B 150 -7.19 -1.98 2.04
CA VAL B 150 -7.87 -2.92 2.96
C VAL B 150 -8.35 -2.10 4.18
N PRO B 151 -9.58 -2.37 4.69
CA PRO B 151 -9.99 -1.71 5.93
C PRO B 151 -9.26 -2.20 7.18
N GLU B 152 -9.05 -1.29 8.13
CA GLU B 152 -8.52 -1.72 9.44
C GLU B 152 -9.59 -2.46 10.24
N THR B 153 -10.82 -1.98 10.15
CA THR B 153 -11.96 -2.67 10.80
C THR B 153 -13.17 -2.54 9.91
N LYS B 154 -14.09 -3.48 10.07
CA LYS B 154 -15.31 -3.49 9.29
C LYS B 154 -16.30 -4.41 9.96
N GLN B 155 -17.55 -4.33 9.52
CA GLN B 155 -18.60 -5.25 9.96
C GLN B 155 -19.33 -5.76 8.73
N VAL B 156 -19.25 -7.07 8.51
CA VAL B 156 -19.89 -7.74 7.38
C VAL B 156 -20.80 -8.81 7.96
N ASN B 157 -22.04 -8.87 7.45
CA ASN B 157 -22.94 -9.95 7.79
C ASN B 157 -22.55 -11.17 7.00
N PRO B 158 -22.65 -12.35 7.61
CA PRO B 158 -22.26 -13.57 6.91
C PRO B 158 -23.11 -13.87 5.67
N PRO B 159 -22.64 -14.78 4.80
CA PRO B 159 -23.40 -15.19 3.63
C PRO B 159 -24.84 -15.57 3.96
N GLY B 160 -25.76 -15.16 3.10
CA GLY B 160 -27.17 -15.37 3.33
C GLY B 160 -27.87 -14.22 4.05
N GLU B 161 -27.11 -13.23 4.52
CA GLU B 161 -27.71 -12.03 5.10
C GLU B 161 -27.39 -10.81 4.23
N TRP B 162 -28.29 -9.84 4.24
CA TRP B 162 -28.09 -8.62 3.46
C TRP B 162 -27.04 -7.71 4.08
N ASN B 163 -26.31 -7.04 3.18
CA ASN B 163 -25.31 -6.01 3.52
C ASN B 163 -25.65 -4.77 2.70
N SER B 164 -25.21 -3.61 3.20
CA SER B 164 -25.31 -2.33 2.50
C SER B 164 -23.91 -1.77 2.22
N SER B 165 -23.71 -1.28 1.00
CA SER B 165 -22.42 -0.72 0.58
C SER B 165 -22.62 0.60 -0.14
N MSE B 166 -21.54 1.37 -0.17
CA MSE B 166 -21.53 2.64 -0.90
CA MSE B 166 -21.53 2.63 -0.90
C MSE B 166 -20.11 2.97 -1.34
O MSE B 166 -19.16 2.75 -0.59
CB MSE B 166 -22.10 3.78 -0.04
CB MSE B 166 -22.12 3.75 -0.03
CG MSE B 166 -22.26 5.08 -0.75
CG MSE B 166 -22.34 5.05 -0.74
SE MSE B 166 -23.07 6.50 0.32
SE MSE B 166 -20.89 6.30 -0.51
CE MSE B 166 -21.56 6.80 1.44
CE MSE B 166 -21.56 7.15 1.10
N VAL B 167 -20.00 3.48 -2.57
CA VAL B 167 -18.77 3.97 -3.11
C VAL B 167 -19.02 5.39 -3.62
N LEU B 168 -18.11 6.29 -3.23
CA LEU B 168 -18.12 7.66 -3.77
C LEU B 168 -16.86 7.82 -4.58
N TYR B 169 -16.98 8.36 -5.78
CA TYR B 169 -15.85 8.80 -6.59
C TYR B 169 -16.07 10.25 -7.03
N LYS B 170 -15.12 11.13 -6.70
CA LYS B 170 -15.20 12.55 -7.07
C LYS B 170 -13.79 13.06 -7.38
N ASP B 171 -13.48 13.18 -8.69
CA ASP B 171 -12.18 13.67 -9.18
C ASP B 171 -10.99 12.95 -8.55
N GLY B 172 -11.09 11.62 -8.48
CA GLY B 172 -10.06 10.79 -7.91
C GLY B 172 -10.15 10.53 -6.42
N TYR B 173 -10.99 11.28 -5.71
CA TYR B 173 -11.22 11.02 -4.29
C TYR B 173 -12.22 9.91 -4.20
N VAL B 174 -11.86 8.83 -3.50
CA VAL B 174 -12.73 7.64 -3.41
C VAL B 174 -13.01 7.29 -1.96
N GLU B 175 -14.26 6.93 -1.65
CA GLU B 175 -14.63 6.38 -0.32
C GLU B 175 -15.30 5.02 -0.49
N HIS B 176 -14.93 4.05 0.36
CA HIS B 176 -15.64 2.78 0.48
C HIS B 176 -16.40 2.80 1.79
N TRP B 177 -17.67 2.39 1.74
CA TRP B 177 -18.47 2.26 2.97
C TRP B 177 -19.07 0.87 3.00
N LEU B 178 -19.31 0.39 4.22
CA LEU B 178 -19.97 -0.89 4.45
C LEU B 178 -20.80 -0.85 5.73
N ASN B 179 -22.08 -1.20 5.58
CA ASN B 179 -23.00 -1.31 6.72
C ASN B 179 -22.94 -0.09 7.65
N GLY B 180 -22.93 1.08 7.00
CA GLY B 180 -23.01 2.36 7.71
C GLY B 180 -21.71 2.98 8.11
N GLU B 181 -20.60 2.28 7.88
CA GLU B 181 -19.27 2.76 8.30
C GLU B 181 -18.39 3.08 7.11
N LYS B 182 -17.61 4.13 7.24
CA LYS B 182 -16.62 4.46 6.24
C LYS B 182 -15.40 3.60 6.48
N LEU B 183 -15.10 2.72 5.55
CA LEU B 183 -13.95 1.82 5.68
C LEU B 183 -12.64 2.55 5.48
N PHE B 184 -12.59 3.36 4.43
CA PHE B 184 -11.41 4.15 4.11
C PHE B 184 -11.72 5.11 2.97
N SER B 185 -10.81 6.05 2.78
CA SER B 185 -10.83 6.85 1.59
C SER B 185 -9.40 6.93 1.06
N PHE B 186 -9.29 7.31 -0.20
CA PHE B 186 -7.99 7.54 -0.82
C PHE B 186 -8.12 8.52 -1.97
N GLN B 187 -6.98 8.97 -2.49
CA GLN B 187 -6.92 9.88 -3.62
C GLN B 187 -6.11 9.23 -4.72
N GLU B 188 -6.73 9.02 -5.88
CA GLU B 188 -6.01 8.44 -7.02
C GLU B 188 -4.78 9.26 -7.42
N GLY B 189 -4.82 10.58 -7.29
CA GLY B 189 -3.59 11.38 -7.55
C GLY B 189 -2.35 11.14 -6.64
N SER B 190 -2.54 10.48 -5.52
CA SER B 190 -1.57 10.56 -4.42
C SER B 190 -0.32 9.73 -4.66
N GLU B 191 0.73 10.08 -3.94
CA GLU B 191 1.94 9.28 -3.99
C GLU B 191 1.66 7.83 -3.52
N ASP B 192 0.89 7.70 -2.45
CA ASP B 192 0.55 6.41 -1.87
C ASP B 192 -0.22 5.55 -2.90
N TRP B 193 -1.19 6.16 -3.57
CA TRP B 193 -1.92 5.43 -4.60
C TRP B 193 -1.00 4.98 -5.72
N LYS B 194 -0.10 5.86 -6.16
CA LYS B 194 0.77 5.51 -7.27
C LYS B 194 1.68 4.38 -6.89
N MSE B 195 2.22 4.42 -5.68
CA MSE B 195 3.04 3.32 -5.23
C MSE B 195 2.28 2.00 -5.25
O MSE B 195 2.82 0.97 -5.68
CB MSE B 195 3.56 3.56 -3.82
CG MSE B 195 4.52 2.52 -3.32
SE MSE B 195 5.01 2.93 -1.48
CE MSE B 195 6.53 1.77 -1.50
N ARG B 196 1.07 2.00 -4.72
CA ARG B 196 0.28 0.76 -4.69
C ARG B 196 -0.06 0.28 -6.12
N ARG B 197 -0.42 1.22 -6.98
CA ARG B 197 -0.79 0.92 -8.37
C ARG B 197 0.37 0.30 -9.15
N TYR B 198 1.55 0.91 -9.05
CA TYR B 198 2.65 0.64 -10.01
C TYR B 198 3.72 -0.29 -9.50
N SER B 199 3.71 -0.61 -8.21
CA SER B 199 4.60 -1.63 -7.65
C SER B 199 3.84 -2.78 -6.97
N GLY B 200 2.53 -2.60 -6.78
CA GLY B 200 1.68 -3.72 -6.36
C GLY B 200 1.47 -4.72 -7.50
N LYS B 201 0.27 -5.27 -7.56
CA LYS B 201 0.05 -6.52 -8.30
C LYS B 201 -0.47 -6.41 -9.75
N TRP B 202 -0.26 -5.29 -10.46
CA TRP B 202 -0.93 -5.06 -11.77
C TRP B 202 -0.06 -5.12 -13.05
N GLU B 203 1.18 -5.58 -12.94
CA GLU B 203 2.07 -5.83 -14.09
C GLU B 203 1.35 -6.43 -15.33
N ALA B 204 0.54 -7.46 -15.11
CA ALA B 204 -0.18 -8.16 -16.21
C ALA B 204 -1.35 -7.36 -16.79
N PHE B 205 -1.75 -6.29 -16.09
CA PHE B 205 -2.92 -5.49 -16.45
C PHE B 205 -2.51 -4.03 -16.62
N PRO B 206 -1.90 -3.72 -17.77
CA PRO B 206 -1.36 -2.40 -17.97
C PRO B 206 -2.44 -1.36 -18.07
N ASP B 207 -3.67 -1.78 -18.37
CA ASP B 207 -4.78 -0.84 -18.48
C ASP B 207 -5.58 -0.70 -17.19
N TYR B 208 -5.18 -1.36 -16.11
CA TYR B 208 -5.87 -1.13 -14.82
C TYR B 208 -5.87 0.35 -14.44
N GLY B 209 -7.06 0.90 -14.19
CA GLY B 209 -7.19 2.34 -14.03
C GLY B 209 -6.71 3.11 -15.26
N ILE B 210 -6.82 2.55 -16.46
CA ILE B 210 -6.46 3.30 -17.69
C ILE B 210 -7.31 4.57 -17.87
N SER B 211 -8.51 4.61 -17.29
CA SER B 211 -9.45 5.73 -17.50
C SER B 211 -10.28 6.05 -16.27
N THR B 212 -10.52 7.33 -16.03
CA THR B 212 -11.40 7.78 -14.93
C THR B 212 -12.87 7.90 -15.34
N THR B 213 -13.19 7.46 -16.55
CA THR B 213 -14.58 7.35 -16.98
C THR B 213 -14.81 5.95 -17.51
N GLY B 214 -15.95 5.37 -17.15
CA GLY B 214 -16.33 4.06 -17.68
C GLY B 214 -17.61 3.55 -17.10
N LYS B 215 -17.84 2.26 -17.29
CA LYS B 215 -19.06 1.61 -16.85
C LYS B 215 -18.96 1.24 -15.40
N LEU B 216 -20.14 1.03 -14.80
CA LEU B 216 -20.26 0.47 -13.46
C LEU B 216 -20.69 -0.98 -13.69
N CYS B 217 -20.39 -1.87 -12.75
CA CYS B 217 -20.41 -3.29 -13.04
C CYS B 217 -20.63 -4.10 -11.78
N PHE B 218 -21.48 -5.13 -11.89
CA PHE B 218 -21.58 -6.17 -10.88
C PHE B 218 -21.07 -7.46 -11.50
N GLN B 219 -20.22 -8.17 -10.76
CA GLN B 219 -19.66 -9.39 -11.26
C GLN B 219 -20.25 -10.58 -10.53
N ASP B 220 -20.27 -11.73 -11.21
CA ASP B 220 -20.46 -12.99 -10.49
C ASP B 220 -19.49 -14.03 -11.02
N HIS B 221 -18.58 -14.47 -10.15
CA HIS B 221 -17.56 -15.48 -10.46
C HIS B 221 -17.76 -16.76 -9.63
N GLY B 222 -18.72 -16.75 -8.72
CA GLY B 222 -18.94 -17.88 -7.84
C GLY B 222 -20.29 -17.81 -7.17
N SER B 223 -21.10 -18.86 -7.38
CA SER B 223 -22.38 -19.07 -6.69
C SER B 223 -23.39 -17.98 -7.08
N LYS B 224 -24.52 -17.97 -6.39
CA LYS B 224 -25.55 -16.98 -6.63
C LYS B 224 -25.21 -15.71 -5.86
N VAL B 225 -25.66 -14.59 -6.40
CA VAL B 225 -25.47 -13.31 -5.77
C VAL B 225 -26.74 -12.51 -6.00
N TYR B 226 -27.03 -11.61 -5.06
CA TYR B 226 -28.28 -10.84 -5.05
C TYR B 226 -28.00 -9.36 -4.85
N PHE B 227 -28.61 -8.50 -5.66
CA PHE B 227 -28.47 -7.05 -5.51
C PHE B 227 -29.83 -6.40 -5.53
N LYS B 228 -30.02 -5.37 -4.72
CA LYS B 228 -31.19 -4.54 -4.80
C LYS B 228 -30.88 -3.15 -4.26
N ASN B 229 -31.86 -2.26 -4.34
CA ASN B 229 -31.72 -0.91 -3.83
C ASN B 229 -30.47 -0.24 -4.37
N VAL B 230 -30.30 -0.29 -5.69
CA VAL B 230 -29.13 0.24 -6.33
C VAL B 230 -29.45 1.66 -6.79
N LYS B 231 -28.93 2.63 -6.04
CA LYS B 231 -29.31 4.04 -6.15
C LYS B 231 -28.06 4.84 -6.45
N ILE B 232 -28.15 5.75 -7.42
CA ILE B 232 -26.95 6.46 -7.86
C ILE B 232 -27.17 7.96 -7.97
N LYS B 233 -26.16 8.69 -7.54
CA LYS B 233 -26.07 10.14 -7.66
C LYS B 233 -25.04 10.41 -8.77
N ASP B 234 -25.48 10.92 -9.92
CA ASP B 234 -24.54 11.31 -10.97
C ASP B 234 -23.97 12.70 -10.62
N LEU B 235 -22.70 12.73 -10.21
CA LEU B 235 -22.08 13.95 -9.72
C LEU B 235 -21.44 14.75 -10.85
N ASP B 236 -21.28 16.04 -10.61
CA ASP B 236 -20.47 16.91 -11.45
C ASP B 236 -19.02 16.49 -11.29
C1 PGE C . 17.39 0.55 -1.63
O1 PGE C . 18.71 0.33 -1.11
C2 PGE C . 17.44 0.64 -3.15
O2 PGE C . 17.45 2.00 -3.57
C3 PGE C . 17.82 2.20 -4.93
C4 PGE C . 16.57 2.27 -5.79
O4 PGE C . 15.29 -1.09 -8.46
C6 PGE C . 15.39 0.23 -7.89
C5 PGE C . 16.79 0.45 -7.32
O3 PGE C . 16.96 1.84 -7.09
C1 PGE D . -33.44 -12.59 -2.16
O1 PGE D . -33.46 -12.31 -0.76
C2 PGE D . -33.08 -14.06 -2.39
O2 PGE D . -32.13 -14.50 -1.42
C3 PGE D . -31.87 -15.90 -1.51
C4 PGE D . -30.72 -16.34 -0.60
O4 PGE D . -31.07 -15.66 3.35
C6 PGE D . -30.62 -16.99 3.07
C5 PGE D . -30.38 -17.21 1.59
O3 PGE D . -31.12 -16.29 0.78
#